data_5U5R
#
_entry.id   5U5R
#
_cell.length_a   77.124
_cell.length_b   89.544
_cell.length_c   97.038
_cell.angle_alpha   90.00
_cell.angle_beta   90.00
_cell.angle_gamma   90.00
#
_symmetry.space_group_name_H-M   'P 21 21 21'
#
loop_
_entity.id
_entity.type
_entity.pdbx_description
1 polymer 'Importin subunit alpha-1'
2 polymer 'Mismatch repair endonuclease PMS2'
3 non-polymer 2,3-DIHYDROXY-1,4-DITHIOBUTANE
4 water water
#
loop_
_entity_poly.entity_id
_entity_poly.type
_entity_poly.pdbx_seq_one_letter_code
_entity_poly.pdbx_strand_id
1 'polypeptide(L)'
;MHHHHHHSSGLVPRGSGMKETAAAKFERQHMDSPDLGTDDDDKAMADIGSNQGTVNWSVEDIVKGINSNNLESQLQATQA
ARKLLSREKQPPIDNIIRAGLIPKFVSFLGKTDCSPIQFESAWALTNIASGTSEQTKAVVDGGAIPAFISLLASPHAHIS
EQAVWALGNIAGDGSAFRDLVIKHGAIDPLLALLAVPDLSTLACGYLRNLTWTLSNLCRNKNPAPPLDAVEQILPTLVRL
LHHNDPEVLADSCWAISYLTDGPNERIEMVVKKGVVPQLVKLLGATELPIVTPALRAIGNIVTGTDEQTQKVIDAGALAV
FPSLLTNPKTNIQKEATWTMSNITAGRQDQIQQVVNHGLVPFLVGVLSKADFKTQKEAAWAITNYTSGGTVEQIVYLVHC
GIIEPLMNLLSAKDTKIIQVILDAISNIFQAAEKLGETEKLSIMIEECGGLDKIEALQRHENESVYKASLNLIEKYFSVE
EEEDQNVVPETTSEGFAFQVQDGAPGTFNF
;
A
2 'polypeptide(L)' TPNTKRFKKEE B
#
loop_
_chem_comp.id
_chem_comp.type
_chem_comp.name
_chem_comp.formula
DTT non-polymer 2,3-DIHYDROXY-1,4-DITHIOBUTANE 'C4 H10 O2 S2'
#
# COMPACT_ATOMS: atom_id res chain seq x y z
N GLY A 53 -32.28 -19.74 -21.73
CA GLY A 53 -31.10 -20.49 -22.11
C GLY A 53 -30.38 -21.07 -20.91
N THR A 54 -29.29 -20.41 -20.50
CA THR A 54 -28.62 -20.70 -19.23
C THR A 54 -28.91 -19.64 -18.18
N VAL A 55 -29.99 -18.88 -18.35
CA VAL A 55 -30.27 -17.74 -17.50
C VAL A 55 -31.18 -18.17 -16.35
N ASN A 56 -30.78 -17.80 -15.12
CA ASN A 56 -31.55 -18.02 -13.90
C ASN A 56 -31.97 -19.48 -13.72
N TRP A 57 -31.02 -20.40 -13.89
CA TRP A 57 -31.26 -21.78 -13.47
C TRP A 57 -31.30 -21.86 -11.95
N SER A 58 -32.06 -22.83 -11.45
CA SER A 58 -31.92 -23.22 -10.07
C SER A 58 -30.59 -23.95 -9.84
N VAL A 59 -30.09 -23.88 -8.61
CA VAL A 59 -28.91 -24.65 -8.25
C VAL A 59 -29.18 -26.13 -8.43
N GLU A 60 -30.40 -26.56 -8.14
CA GLU A 60 -30.76 -27.96 -8.29
C GLU A 60 -30.65 -28.41 -9.75
N ASP A 61 -31.10 -27.56 -10.69
CA ASP A 61 -30.95 -27.88 -12.11
C ASP A 61 -29.48 -27.86 -12.52
N ILE A 62 -28.71 -26.89 -12.01
CA ILE A 62 -27.28 -26.87 -12.28
C ILE A 62 -26.65 -28.17 -11.85
N VAL A 63 -27.00 -28.63 -10.64
CA VAL A 63 -26.50 -29.91 -10.13
C VAL A 63 -26.87 -31.05 -11.07
N LYS A 64 -28.14 -31.08 -11.50
CA LYS A 64 -28.57 -32.15 -12.41
C LYS A 64 -27.73 -32.15 -13.67
N GLY A 65 -27.52 -30.98 -14.26
CA GLY A 65 -26.76 -30.92 -15.50
C GLY A 65 -25.31 -31.32 -15.31
N ILE A 66 -24.70 -30.84 -14.23
CA ILE A 66 -23.29 -31.13 -14.00
C ILE A 66 -23.09 -32.60 -13.66
N ASN A 67 -24.07 -33.23 -13.00
CA ASN A 67 -23.97 -34.65 -12.67
C ASN A 67 -24.50 -35.56 -13.77
N SER A 68 -25.06 -35.02 -14.84
CA SER A 68 -25.22 -35.85 -16.02
C SER A 68 -23.82 -36.26 -16.46
N ASN A 69 -23.74 -37.34 -17.20
CA ASN A 69 -22.37 -37.51 -17.69
C ASN A 69 -22.38 -37.18 -19.18
N ASN A 70 -22.86 -35.97 -19.44
CA ASN A 70 -23.00 -35.44 -20.79
C ASN A 70 -22.25 -34.12 -20.79
N LEU A 71 -21.11 -34.10 -21.48
CA LEU A 71 -20.24 -32.93 -21.42
C LEU A 71 -20.96 -31.68 -21.87
N GLU A 72 -21.80 -31.79 -22.91
CA GLU A 72 -22.52 -30.59 -23.33
C GLU A 72 -23.55 -30.17 -22.28
N SER A 73 -24.25 -31.14 -21.68
CA SER A 73 -25.15 -30.79 -20.58
C SER A 73 -24.38 -30.17 -19.44
N GLN A 74 -23.19 -30.71 -19.13
CA GLN A 74 -22.34 -30.14 -18.10
C GLN A 74 -21.91 -28.73 -18.45
N LEU A 75 -21.53 -28.51 -19.71
CA LEU A 75 -21.16 -27.16 -20.16
C LEU A 75 -22.30 -26.18 -19.91
N GLN A 76 -23.51 -26.51 -20.36
CA GLN A 76 -24.61 -25.57 -20.21
C GLN A 76 -24.92 -25.34 -18.73
N ALA A 77 -24.86 -26.40 -17.92
CA ALA A 77 -25.06 -26.23 -16.48
C ALA A 77 -23.95 -25.38 -15.87
N THR A 78 -22.70 -25.57 -16.32
CA THR A 78 -21.60 -24.78 -15.77
C THR A 78 -21.74 -23.32 -16.18
N GLN A 79 -22.15 -23.07 -17.42
CA GLN A 79 -22.39 -21.70 -17.81
C GLN A 79 -23.51 -21.08 -16.98
N ALA A 80 -24.57 -21.84 -16.71
CA ALA A 80 -25.65 -21.34 -15.88
C ALA A 80 -25.15 -21.03 -14.47
N ALA A 81 -24.29 -21.91 -13.92
CA ALA A 81 -23.64 -21.59 -12.65
C ALA A 81 -22.84 -20.31 -12.75
N ARG A 82 -22.05 -20.17 -13.81
CA ARG A 82 -21.27 -18.96 -13.99
C ARG A 82 -22.18 -17.72 -14.00
N LYS A 83 -23.36 -17.83 -14.62
CA LYS A 83 -24.24 -16.66 -14.69
C LYS A 83 -24.82 -16.33 -13.32
N LEU A 84 -25.25 -17.34 -12.56
CA LEU A 84 -25.62 -17.09 -11.16
C LEU A 84 -24.48 -16.44 -10.41
N LEU A 85 -23.27 -16.97 -10.55
CA LEU A 85 -22.14 -16.56 -9.74
C LEU A 85 -21.57 -15.22 -10.17
N SER A 86 -22.02 -14.66 -11.28
CA SER A 86 -21.51 -13.37 -11.72
C SER A 86 -22.56 -12.27 -11.61
N ARG A 87 -23.67 -12.52 -10.95
CA ARG A 87 -24.62 -11.45 -10.69
C ARG A 87 -24.13 -10.63 -9.50
N GLU A 88 -24.27 -9.30 -9.61
CA GLU A 88 -23.67 -8.43 -8.60
C GLU A 88 -24.40 -8.55 -7.27
N LYS A 89 -25.71 -8.76 -7.32
CA LYS A 89 -26.55 -8.81 -6.13
C LYS A 89 -26.56 -10.22 -5.56
N GLN A 90 -25.88 -10.40 -4.43
CA GLN A 90 -25.89 -11.65 -3.67
C GLN A 90 -25.72 -12.89 -4.54
N PRO A 91 -24.59 -13.03 -5.24
CA PRO A 91 -24.34 -14.28 -5.97
C PRO A 91 -24.34 -15.44 -5.00
N PRO A 92 -25.06 -16.56 -5.33
CA PRO A 92 -25.25 -17.66 -4.37
C PRO A 92 -24.00 -18.54 -4.23
N ILE A 93 -22.92 -17.92 -3.78
CA ILE A 93 -21.65 -18.63 -3.63
C ILE A 93 -21.79 -19.82 -2.68
N ASP A 94 -22.34 -19.59 -1.49
CA ASP A 94 -22.43 -20.67 -0.51
C ASP A 94 -23.38 -21.77 -0.96
N ASN A 95 -24.46 -21.42 -1.67
CA ASN A 95 -25.33 -22.46 -2.22
C ASN A 95 -24.59 -23.32 -3.23
N ILE A 96 -23.80 -22.70 -4.11
CA ILE A 96 -23.03 -23.46 -5.08
C ILE A 96 -22.03 -24.34 -4.35
N ILE A 97 -21.36 -23.80 -3.34
CA ILE A 97 -20.41 -24.59 -2.57
C ILE A 97 -21.13 -25.75 -1.91
N ARG A 98 -22.24 -25.46 -1.23
CA ARG A 98 -22.95 -26.48 -0.48
C ARG A 98 -23.49 -27.58 -1.39
N ALA A 99 -23.84 -27.23 -2.64
CA ALA A 99 -24.24 -28.27 -3.58
C ALA A 99 -23.08 -29.16 -4.02
N GLY A 100 -21.88 -28.93 -3.51
CA GLY A 100 -20.78 -29.82 -3.85
C GLY A 100 -20.23 -29.65 -5.25
N LEU A 101 -20.44 -28.49 -5.88
CA LEU A 101 -20.04 -28.32 -7.28
C LEU A 101 -18.55 -28.02 -7.47
N ILE A 102 -17.84 -27.52 -6.44
CA ILE A 102 -16.44 -27.11 -6.67
C ILE A 102 -15.61 -28.22 -7.28
N PRO A 103 -15.65 -29.47 -6.78
CA PRO A 103 -14.80 -30.51 -7.39
C PRO A 103 -15.10 -30.73 -8.85
N LYS A 104 -16.37 -30.64 -9.23
CA LYS A 104 -16.73 -30.78 -10.64
C LYS A 104 -16.15 -29.62 -11.43
N PHE A 105 -16.31 -28.40 -10.94
CA PHE A 105 -15.71 -27.25 -11.63
C PHE A 105 -14.21 -27.46 -11.83
N VAL A 106 -13.51 -27.84 -10.76
CA VAL A 106 -12.07 -28.05 -10.86
C VAL A 106 -11.76 -29.12 -11.90
N SER A 107 -12.52 -30.22 -11.89
CA SER A 107 -12.27 -31.24 -12.91
C SER A 107 -12.48 -30.68 -14.32
N PHE A 108 -13.44 -29.76 -14.49
CA PHE A 108 -13.68 -29.17 -15.80
C PHE A 108 -12.53 -28.28 -16.25
N LEU A 109 -11.73 -27.74 -15.33
CA LEU A 109 -10.57 -26.94 -15.72
C LEU A 109 -9.61 -27.76 -16.58
N GLY A 110 -9.60 -29.08 -16.40
CA GLY A 110 -8.72 -29.94 -17.16
C GLY A 110 -9.30 -30.43 -18.48
N LYS A 111 -10.48 -29.94 -18.90
CA LYS A 111 -11.14 -30.42 -20.12
C LYS A 111 -10.57 -29.72 -21.34
N THR A 112 -9.36 -30.17 -21.71
CA THR A 112 -8.60 -29.51 -22.78
C THR A 112 -9.37 -29.50 -24.11
N ASP A 113 -10.13 -30.56 -24.39
CA ASP A 113 -10.87 -30.62 -25.65
C ASP A 113 -12.12 -29.78 -25.61
N CYS A 114 -12.25 -29.00 -24.56
CA CYS A 114 -13.51 -28.47 -24.15
C CYS A 114 -13.31 -27.09 -23.54
N SER A 115 -12.62 -26.22 -24.27
CA SER A 115 -12.23 -24.92 -23.73
C SER A 115 -13.40 -24.09 -23.21
N PRO A 116 -14.61 -24.11 -23.81
CA PRO A 116 -15.70 -23.38 -23.16
C PRO A 116 -16.00 -23.87 -21.74
N ILE A 117 -15.89 -25.16 -21.44
CA ILE A 117 -16.20 -25.54 -20.07
C ILE A 117 -15.02 -25.20 -19.15
N GLN A 118 -13.79 -25.23 -19.68
CA GLN A 118 -12.65 -24.65 -18.95
C GLN A 118 -12.93 -23.22 -18.54
N PHE A 119 -13.35 -22.39 -19.50
CA PHE A 119 -13.59 -20.99 -19.22
C PHE A 119 -14.70 -20.79 -18.22
N GLU A 120 -15.84 -21.46 -18.45
CA GLU A 120 -17.01 -21.28 -17.59
C GLU A 120 -16.71 -21.69 -16.15
N SER A 121 -16.07 -22.84 -15.97
CA SER A 121 -15.72 -23.24 -14.61
C SER A 121 -14.64 -22.35 -14.03
N ALA A 122 -13.69 -21.86 -14.86
CA ALA A 122 -12.67 -20.95 -14.36
C ALA A 122 -13.30 -19.69 -13.82
N TRP A 123 -14.30 -19.18 -14.54
CA TRP A 123 -15.02 -18.00 -14.12
C TRP A 123 -15.85 -18.28 -12.88
N ALA A 124 -16.59 -19.39 -12.90
CA ALA A 124 -17.33 -19.78 -11.70
C ALA A 124 -16.39 -19.87 -10.49
N LEU A 125 -15.26 -20.56 -10.65
CA LEU A 125 -14.36 -20.73 -9.52
C LEU A 125 -13.72 -19.42 -9.12
N THR A 126 -13.47 -18.54 -10.09
CA THR A 126 -12.91 -17.22 -9.78
C THR A 126 -13.82 -16.47 -8.83
N ASN A 127 -15.12 -16.46 -9.14
CA ASN A 127 -16.02 -15.67 -8.32
C ASN A 127 -16.29 -16.33 -6.98
N ILE A 128 -16.27 -17.66 -6.93
CA ILE A 128 -16.31 -18.29 -5.62
C ILE A 128 -15.10 -17.87 -4.81
N ALA A 129 -13.90 -17.94 -5.41
CA ALA A 129 -12.65 -17.55 -4.76
C ALA A 129 -12.58 -16.07 -4.45
N SER A 130 -13.46 -15.25 -5.06
CA SER A 130 -13.47 -13.82 -4.78
C SER A 130 -14.11 -13.49 -3.44
N GLY A 131 -14.71 -14.47 -2.76
CA GLY A 131 -15.50 -14.19 -1.59
C GLY A 131 -14.70 -14.22 -0.31
N THR A 132 -15.30 -14.75 0.75
CA THR A 132 -14.63 -14.84 2.04
C THR A 132 -13.49 -15.83 1.99
N SER A 133 -12.63 -15.78 3.03
CA SER A 133 -11.56 -16.77 3.14
C SER A 133 -12.13 -18.19 3.13
N GLU A 134 -13.27 -18.42 3.78
CA GLU A 134 -13.85 -19.77 3.76
C GLU A 134 -14.24 -20.17 2.35
N GLN A 135 -14.77 -19.22 1.58
CA GLN A 135 -15.16 -19.50 0.20
C GLN A 135 -13.93 -19.70 -0.68
N THR A 136 -12.89 -18.89 -0.48
CA THR A 136 -11.64 -19.14 -1.21
C THR A 136 -11.05 -20.48 -0.83
N LYS A 137 -11.09 -20.81 0.47
CA LYS A 137 -10.56 -22.08 0.94
C LYS A 137 -11.27 -23.26 0.28
N ALA A 138 -12.57 -23.15 0.06
CA ALA A 138 -13.29 -24.23 -0.61
C ALA A 138 -12.74 -24.46 -2.01
N VAL A 139 -12.40 -23.38 -2.71
CA VAL A 139 -11.83 -23.51 -4.04
C VAL A 139 -10.46 -24.17 -3.97
N VAL A 140 -9.60 -23.69 -3.06
CA VAL A 140 -8.31 -24.34 -2.85
C VAL A 140 -8.50 -25.80 -2.45
N ASP A 141 -9.46 -26.06 -1.57
CA ASP A 141 -9.67 -27.42 -1.07
C ASP A 141 -10.07 -28.38 -2.18
N GLY A 142 -10.71 -27.87 -3.24
CA GLY A 142 -11.07 -28.69 -4.37
C GLY A 142 -9.95 -29.00 -5.34
N GLY A 143 -8.72 -28.60 -5.02
CA GLY A 143 -7.61 -28.85 -5.93
C GLY A 143 -7.42 -27.81 -7.00
N ALA A 144 -8.04 -26.64 -6.86
CA ALA A 144 -8.03 -25.66 -7.95
C ALA A 144 -6.65 -25.09 -8.23
N ILE A 145 -5.77 -25.03 -7.23
CA ILE A 145 -4.52 -24.31 -7.48
C ILE A 145 -3.70 -24.95 -8.61
N PRO A 146 -3.34 -26.24 -8.55
CA PRO A 146 -2.59 -26.81 -9.69
C PRO A 146 -3.38 -26.81 -10.99
N ALA A 147 -4.70 -27.00 -10.93
CA ALA A 147 -5.52 -26.94 -12.13
C ALA A 147 -5.44 -25.57 -12.80
N PHE A 148 -5.53 -24.49 -12.01
CA PHE A 148 -5.45 -23.15 -12.60
C PHE A 148 -4.05 -22.87 -13.13
N ILE A 149 -3.03 -23.34 -12.42
CA ILE A 149 -1.66 -23.17 -12.91
C ILE A 149 -1.48 -23.88 -14.24
N SER A 150 -2.02 -25.09 -14.37
CA SER A 150 -1.97 -25.77 -15.66
C SER A 150 -2.71 -24.97 -16.72
N LEU A 151 -3.78 -24.27 -16.34
CA LEU A 151 -4.57 -23.49 -17.28
C LEU A 151 -3.83 -22.25 -17.76
N LEU A 152 -2.78 -21.83 -17.06
CA LEU A 152 -2.00 -20.69 -17.53
C LEU A 152 -1.44 -20.94 -18.92
N ALA A 153 -1.19 -22.20 -19.26
CA ALA A 153 -0.64 -22.53 -20.56
C ALA A 153 -1.69 -22.63 -21.65
N SER A 154 -2.94 -22.29 -21.36
CA SER A 154 -3.98 -22.50 -22.36
C SER A 154 -3.65 -21.64 -23.58
N PRO A 155 -3.80 -22.20 -24.79
CA PRO A 155 -3.68 -21.37 -26.00
C PRO A 155 -4.79 -20.36 -26.14
N HIS A 156 -5.83 -20.44 -25.31
CA HIS A 156 -6.93 -19.49 -25.36
C HIS A 156 -6.65 -18.38 -24.37
N ALA A 157 -6.40 -17.18 -24.88
CA ALA A 157 -6.00 -16.05 -24.04
C ALA A 157 -7.04 -15.79 -22.95
N HIS A 158 -8.33 -15.82 -23.30
CA HIS A 158 -9.35 -15.53 -22.30
C HIS A 158 -9.40 -16.58 -21.20
N ILE A 159 -8.92 -17.80 -21.47
CA ILE A 159 -8.90 -18.84 -20.45
C ILE A 159 -7.65 -18.70 -19.58
N SER A 160 -6.50 -18.52 -20.23
CA SER A 160 -5.27 -18.18 -19.51
C SER A 160 -5.51 -17.03 -18.55
N GLU A 161 -6.11 -15.96 -19.07
CA GLU A 161 -6.41 -14.79 -18.26
C GLU A 161 -7.32 -15.15 -17.09
N GLN A 162 -8.32 -16.00 -17.32
CA GLN A 162 -9.21 -16.34 -16.22
C GLN A 162 -8.47 -17.11 -15.14
N ALA A 163 -7.50 -17.95 -15.53
CA ALA A 163 -6.70 -18.67 -14.56
C ALA A 163 -5.80 -17.70 -13.80
N VAL A 164 -5.23 -16.70 -14.50
CA VAL A 164 -4.46 -15.65 -13.83
C VAL A 164 -5.30 -15.00 -12.75
N TRP A 165 -6.52 -14.60 -13.12
CA TRP A 165 -7.44 -13.93 -12.20
C TRP A 165 -7.75 -14.81 -11.00
N ALA A 166 -8.10 -16.07 -11.25
CA ALA A 166 -8.45 -16.95 -10.14
C ALA A 166 -7.30 -17.11 -9.17
N LEU A 167 -6.08 -17.28 -9.69
CA LEU A 167 -4.91 -17.39 -8.83
C LEU A 167 -4.69 -16.10 -8.04
N GLY A 168 -4.95 -14.95 -8.66
CA GLY A 168 -4.89 -13.69 -7.93
C GLY A 168 -5.85 -13.65 -6.76
N ASN A 169 -7.09 -14.14 -6.96
CA ASN A 169 -8.03 -14.19 -5.85
C ASN A 169 -7.53 -15.12 -4.76
N ILE A 170 -7.05 -16.29 -5.16
CA ILE A 170 -6.56 -17.26 -4.19
C ILE A 170 -5.39 -16.68 -3.42
N ALA A 171 -4.37 -16.18 -4.14
CA ALA A 171 -3.22 -15.57 -3.47
C ALA A 171 -3.65 -14.37 -2.65
N GLY A 172 -4.64 -13.61 -3.13
CA GLY A 172 -5.13 -12.44 -2.42
C GLY A 172 -5.73 -12.74 -1.06
N ASP A 173 -6.09 -14.00 -0.79
CA ASP A 173 -6.68 -14.31 0.48
C ASP A 173 -5.75 -14.02 1.65
N GLY A 174 -4.45 -14.19 1.46
CA GLY A 174 -3.55 -14.09 2.59
C GLY A 174 -2.25 -14.79 2.29
N SER A 175 -1.32 -14.62 3.24
CA SER A 175 0.04 -15.12 3.05
CA SER A 175 0.03 -15.11 3.02
C SER A 175 0.07 -16.61 2.83
N ALA A 176 -0.77 -17.36 3.56
CA ALA A 176 -0.74 -18.81 3.43
C ALA A 176 -1.12 -19.25 2.03
N PHE A 177 -2.25 -18.76 1.50
CA PHE A 177 -2.64 -19.20 0.17
C PHE A 177 -1.70 -18.62 -0.87
N ARG A 178 -1.21 -17.39 -0.64
CA ARG A 178 -0.19 -16.80 -1.50
C ARG A 178 1.02 -17.72 -1.61
N ASP A 179 1.54 -18.17 -0.47
CA ASP A 179 2.70 -19.04 -0.50
C ASP A 179 2.36 -20.40 -1.07
N LEU A 180 1.11 -20.85 -0.90
CA LEU A 180 0.72 -22.14 -1.47
C LEU A 180 0.66 -22.05 -3.00
N VAL A 181 0.11 -20.95 -3.52
CA VAL A 181 0.12 -20.73 -4.96
C VAL A 181 1.57 -20.72 -5.47
N ILE A 182 2.47 -20.07 -4.72
CA ILE A 182 3.86 -20.04 -5.12
C ILE A 182 4.47 -21.43 -5.10
N LYS A 183 4.18 -22.21 -4.04
CA LYS A 183 4.75 -23.55 -3.95
C LYS A 183 4.26 -24.47 -5.07
N HIS A 184 3.00 -24.31 -5.50
CA HIS A 184 2.57 -25.09 -6.66
C HIS A 184 3.21 -24.64 -7.96
N GLY A 185 4.06 -23.61 -7.92
CA GLY A 185 4.84 -23.22 -9.09
C GLY A 185 4.11 -22.25 -9.99
N ALA A 186 3.32 -21.35 -9.43
CA ALA A 186 2.61 -20.42 -10.29
C ALA A 186 3.53 -19.38 -10.94
N ILE A 187 4.67 -19.08 -10.32
CA ILE A 187 5.38 -17.86 -10.72
C ILE A 187 5.97 -18.00 -12.12
N ASP A 188 6.65 -19.12 -12.39
CA ASP A 188 7.26 -19.34 -13.71
C ASP A 188 6.25 -19.19 -14.84
N PRO A 189 5.12 -19.91 -14.86
CA PRO A 189 4.16 -19.69 -15.95
C PRO A 189 3.58 -18.29 -15.96
N LEU A 190 3.32 -17.70 -14.79
CA LEU A 190 2.83 -16.32 -14.79
C LEU A 190 3.83 -15.39 -15.46
N LEU A 191 5.10 -15.51 -15.08
CA LEU A 191 6.11 -14.64 -15.67
C LEU A 191 6.30 -14.93 -17.16
N ALA A 192 6.16 -16.20 -17.56
CA ALA A 192 6.32 -16.56 -18.97
C ALA A 192 5.26 -15.89 -19.83
N LEU A 193 4.07 -15.67 -19.29
CA LEU A 193 3.06 -14.92 -20.03
C LEU A 193 3.49 -13.48 -20.32
N LEU A 194 4.42 -12.93 -19.54
CA LEU A 194 4.89 -11.56 -19.73
C LEU A 194 6.24 -11.49 -20.41
N ALA A 195 6.81 -12.63 -20.83
CA ALA A 195 8.14 -12.66 -21.43
C ALA A 195 8.03 -12.34 -22.93
N VAL A 196 7.63 -11.10 -23.19
CA VAL A 196 7.55 -10.58 -24.55
C VAL A 196 8.45 -9.35 -24.63
N PRO A 197 8.99 -9.01 -25.80
CA PRO A 197 9.94 -7.88 -25.87
C PRO A 197 9.30 -6.55 -25.50
N ASP A 198 8.02 -6.38 -25.77
CA ASP A 198 7.34 -5.12 -25.51
C ASP A 198 5.94 -5.44 -24.97
N LEU A 199 5.71 -5.09 -23.71
CA LEU A 199 4.42 -5.31 -23.06
C LEU A 199 3.25 -4.71 -23.84
N SER A 200 3.51 -3.68 -24.64
CA SER A 200 2.44 -3.01 -25.37
CA SER A 200 2.45 -3.01 -25.39
C SER A 200 1.79 -3.92 -26.42
N THR A 201 2.42 -5.04 -26.79
CA THR A 201 1.78 -5.96 -27.70
C THR A 201 0.76 -6.86 -27.02
N LEU A 202 0.66 -6.81 -25.69
CA LEU A 202 -0.28 -7.63 -24.96
C LEU A 202 -1.61 -6.92 -24.84
N ALA A 203 -2.68 -7.70 -24.79
CA ALA A 203 -4.00 -7.12 -24.60
C ALA A 203 -4.07 -6.38 -23.27
N CYS A 204 -4.72 -5.22 -23.30
CA CYS A 204 -4.78 -4.33 -22.14
C CYS A 204 -5.34 -5.03 -20.91
N GLY A 205 -6.53 -5.62 -21.02
CA GLY A 205 -7.13 -6.25 -19.85
C GLY A 205 -6.31 -7.43 -19.36
N TYR A 206 -5.74 -8.20 -20.29
CA TYR A 206 -4.86 -9.32 -19.98
C TYR A 206 -3.66 -8.87 -19.13
N LEU A 207 -3.00 -7.80 -19.58
CA LEU A 207 -1.82 -7.30 -18.87
C LEU A 207 -2.19 -6.78 -17.49
N ARG A 208 -3.32 -6.07 -17.38
CA ARG A 208 -3.76 -5.58 -16.08
C ARG A 208 -4.04 -6.72 -15.12
N ASN A 209 -4.64 -7.80 -15.63
CA ASN A 209 -4.90 -8.95 -14.79
C ASN A 209 -3.63 -9.60 -14.31
N LEU A 210 -2.66 -9.78 -15.22
CA LEU A 210 -1.39 -10.36 -14.83
C LEU A 210 -0.71 -9.48 -13.79
N THR A 211 -0.69 -8.17 -14.03
CA THR A 211 -0.07 -7.25 -13.07
C THR A 211 -0.74 -7.37 -11.71
N TRP A 212 -2.08 -7.39 -11.70
CA TRP A 212 -2.79 -7.44 -10.43
C TRP A 212 -2.48 -8.74 -9.70
N THR A 213 -2.50 -9.87 -10.40
CA THR A 213 -2.21 -11.14 -9.74
C THR A 213 -0.77 -11.16 -9.23
N LEU A 214 0.19 -10.70 -10.03
CA LEU A 214 1.55 -10.61 -9.54
C LEU A 214 1.61 -9.74 -8.30
N SER A 215 0.81 -8.68 -8.25
CA SER A 215 0.90 -7.80 -7.09
C SER A 215 0.39 -8.52 -5.84
N ASN A 216 -0.59 -9.41 -6.00
CA ASN A 216 -1.04 -10.20 -4.85
C ASN A 216 0.01 -11.21 -4.42
N LEU A 217 0.86 -11.67 -5.34
CA LEU A 217 1.95 -12.54 -4.93
C LEU A 217 3.00 -11.79 -4.14
N CYS A 218 3.03 -10.46 -4.28
CA CYS A 218 3.93 -9.61 -3.53
C CYS A 218 3.33 -9.13 -2.23
N ARG A 219 2.04 -9.40 -2.01
CA ARG A 219 1.26 -8.76 -0.96
C ARG A 219 1.27 -9.59 0.32
N ASN A 220 1.01 -8.89 1.44
CA ASN A 220 0.78 -9.46 2.77
C ASN A 220 2.06 -9.83 3.50
N LYS A 221 1.97 -9.95 4.83
CA LYS A 221 3.11 -10.13 5.70
C LYS A 221 2.80 -11.24 6.69
N ASN A 222 3.75 -11.50 7.58
CA ASN A 222 3.61 -12.61 8.53
C ASN A 222 3.22 -13.96 7.88
N PRO A 223 4.06 -14.47 6.96
CA PRO A 223 5.34 -13.86 6.57
C PRO A 223 5.19 -12.99 5.31
N ALA A 224 6.22 -12.18 5.04
CA ALA A 224 6.40 -11.59 3.72
C ALA A 224 6.54 -12.71 2.68
N PRO A 225 6.35 -12.40 1.39
CA PRO A 225 6.55 -13.42 0.37
C PRO A 225 7.96 -14.00 0.45
N PRO A 226 8.15 -15.22 -0.01
CA PRO A 226 9.49 -15.81 0.00
C PRO A 226 10.46 -14.95 -0.80
N LEU A 227 11.65 -14.79 -0.25
CA LEU A 227 12.67 -13.94 -0.86
C LEU A 227 12.97 -14.35 -2.29
N ASP A 228 13.08 -15.66 -2.56
CA ASP A 228 13.39 -16.08 -3.93
C ASP A 228 12.22 -15.80 -4.87
N ALA A 229 10.99 -15.87 -4.37
CA ALA A 229 9.83 -15.50 -5.18
C ALA A 229 9.90 -14.02 -5.54
N VAL A 230 10.18 -13.17 -4.55
CA VAL A 230 10.32 -11.74 -4.80
C VAL A 230 11.42 -11.48 -5.81
N GLU A 231 12.59 -12.12 -5.60
CA GLU A 231 13.70 -11.94 -6.54
C GLU A 231 13.31 -12.38 -7.94
N GLN A 232 12.54 -13.46 -8.05
CA GLN A 232 12.12 -13.95 -9.36
C GLN A 232 11.15 -12.98 -10.01
N ILE A 233 10.28 -12.37 -9.21
CA ILE A 233 9.23 -11.51 -9.77
C ILE A 233 9.76 -10.12 -10.11
N LEU A 234 10.75 -9.63 -9.35
CA LEU A 234 11.09 -8.21 -9.40
C LEU A 234 11.41 -7.68 -10.80
N PRO A 235 12.24 -8.34 -11.63
CA PRO A 235 12.54 -7.74 -12.94
C PRO A 235 11.30 -7.50 -13.78
N THR A 236 10.33 -8.42 -13.73
CA THR A 236 9.08 -8.23 -14.46
C THR A 236 8.27 -7.10 -13.85
N LEU A 237 8.22 -7.07 -12.53
CA LEU A 237 7.59 -5.95 -11.84
C LEU A 237 8.20 -4.62 -12.28
N VAL A 238 9.52 -4.57 -12.41
CA VAL A 238 10.15 -3.32 -12.82
C VAL A 238 9.74 -2.97 -14.24
N ARG A 239 9.59 -3.98 -15.11
CA ARG A 239 9.09 -3.74 -16.46
CA ARG A 239 9.07 -3.78 -16.46
C ARG A 239 7.68 -3.15 -16.42
N LEU A 240 6.82 -3.72 -15.57
CA LEU A 240 5.46 -3.21 -15.49
C LEU A 240 5.41 -1.82 -14.89
N LEU A 241 6.31 -1.54 -13.95
CA LEU A 241 6.40 -0.22 -13.35
C LEU A 241 6.80 0.85 -14.36
N HIS A 242 7.33 0.46 -15.53
CA HIS A 242 7.65 1.42 -16.57
C HIS A 242 6.65 1.39 -17.73
N HIS A 243 5.58 0.62 -17.60
CA HIS A 243 4.59 0.53 -18.66
C HIS A 243 3.72 1.80 -18.68
N ASN A 244 3.06 2.03 -19.81
CA ASN A 244 2.31 3.26 -20.03
C ASN A 244 0.83 3.15 -19.65
N ASP A 245 0.38 2.01 -19.16
CA ASP A 245 -1.05 1.94 -18.82
C ASP A 245 -1.26 2.32 -17.37
N PRO A 246 -2.15 3.28 -17.08
CA PRO A 246 -2.28 3.77 -15.70
C PRO A 246 -2.63 2.69 -14.70
N GLU A 247 -3.45 1.72 -15.09
CA GLU A 247 -3.82 0.68 -14.14
C GLU A 247 -2.66 -0.26 -13.89
N VAL A 248 -1.89 -0.59 -14.93
CA VAL A 248 -0.69 -1.40 -14.73
C VAL A 248 0.29 -0.67 -13.81
N LEU A 249 0.49 0.63 -14.05
CA LEU A 249 1.37 1.45 -13.21
C LEU A 249 0.90 1.42 -11.75
N ALA A 250 -0.39 1.61 -11.53
CA ALA A 250 -0.92 1.65 -10.18
C ALA A 250 -0.66 0.34 -9.44
N ASP A 251 -0.98 -0.79 -10.10
CA ASP A 251 -0.86 -2.09 -9.45
C ASP A 251 0.61 -2.50 -9.29
N SER A 252 1.45 -2.23 -10.29
CA SER A 252 2.89 -2.45 -10.15
C SER A 252 3.41 -1.68 -8.97
N CYS A 253 2.95 -0.44 -8.85
CA CYS A 253 3.43 0.42 -7.80
C CYS A 253 2.92 -0.08 -6.44
N TRP A 254 1.68 -0.57 -6.37
CA TRP A 254 1.21 -1.22 -5.15
C TRP A 254 2.09 -2.40 -4.80
N ALA A 255 2.42 -3.22 -5.80
CA ALA A 255 3.29 -4.37 -5.58
C ALA A 255 4.62 -3.92 -4.97
N ILE A 256 5.21 -2.87 -5.53
CA ILE A 256 6.46 -2.35 -4.99
C ILE A 256 6.25 -1.85 -3.55
N SER A 257 5.10 -1.23 -3.29
CA SER A 257 4.84 -0.78 -1.93
C SER A 257 4.78 -1.96 -0.96
N TYR A 258 4.19 -3.08 -1.39
CA TYR A 258 4.19 -4.24 -0.51
C TYR A 258 5.59 -4.74 -0.27
N LEU A 259 6.40 -4.80 -1.33
CA LEU A 259 7.74 -5.35 -1.21
C LEU A 259 8.63 -4.48 -0.33
N THR A 260 8.38 -3.17 -0.29
CA THR A 260 9.15 -2.28 0.57
C THR A 260 8.54 -2.14 1.95
N ASP A 261 7.38 -2.75 2.20
CA ASP A 261 6.77 -2.73 3.52
C ASP A 261 7.38 -3.88 4.31
N GLY A 262 8.59 -3.66 4.82
CA GLY A 262 9.28 -4.71 5.52
C GLY A 262 10.62 -4.24 6.04
N PRO A 263 11.45 -5.20 6.47
CA PRO A 263 12.79 -4.85 6.98
C PRO A 263 13.67 -4.25 5.89
N ASN A 264 14.80 -3.68 6.32
CA ASN A 264 15.68 -2.96 5.40
C ASN A 264 16.17 -3.84 4.28
N GLU A 265 16.28 -5.15 4.54
CA GLU A 265 16.73 -6.09 3.52
C GLU A 265 15.72 -6.21 2.40
N ARG A 266 14.43 -6.17 2.74
CA ARG A 266 13.40 -6.15 1.71
C ARG A 266 13.44 -4.84 0.93
N ILE A 267 13.60 -3.72 1.64
CA ILE A 267 13.71 -2.43 0.95
C ILE A 267 14.89 -2.44 0.00
N GLU A 268 16.01 -3.02 0.43
CA GLU A 268 17.24 -3.01 -0.36
C GLU A 268 17.07 -3.76 -1.68
N MET A 269 16.40 -4.91 -1.64
CA MET A 269 16.15 -5.64 -2.89
C MET A 269 15.47 -4.75 -3.90
N VAL A 270 14.51 -3.94 -3.45
CA VAL A 270 13.77 -3.10 -4.36
C VAL A 270 14.63 -1.93 -4.81
N VAL A 271 15.27 -1.27 -3.86
CA VAL A 271 16.10 -0.11 -4.17
C VAL A 271 17.25 -0.49 -5.10
N LYS A 272 17.85 -1.67 -4.87
CA LYS A 272 18.95 -2.11 -5.73
C LYS A 272 18.50 -2.36 -7.16
N LYS A 273 17.21 -2.64 -7.41
CA LYS A 273 16.72 -2.76 -8.78
C LYS A 273 16.64 -1.42 -9.49
N GLY A 274 16.94 -0.32 -8.82
CA GLY A 274 16.98 0.98 -9.46
C GLY A 274 15.63 1.59 -9.76
N VAL A 275 14.58 1.21 -9.01
CA VAL A 275 13.23 1.71 -9.28
C VAL A 275 12.91 3.05 -8.62
N VAL A 276 13.78 3.58 -7.76
CA VAL A 276 13.44 4.81 -7.05
C VAL A 276 13.18 5.97 -8.01
N PRO A 277 14.02 6.24 -9.01
CA PRO A 277 13.67 7.31 -9.97
C PRO A 277 12.29 7.14 -10.58
N GLN A 278 11.94 5.93 -11.00
CA GLN A 278 10.62 5.73 -11.58
C GLN A 278 9.53 5.97 -10.54
N LEU A 279 9.77 5.53 -9.29
CA LEU A 279 8.79 5.80 -8.23
C LEU A 279 8.59 7.29 -8.03
N VAL A 280 9.67 8.06 -8.04
CA VAL A 280 9.57 9.51 -7.89
C VAL A 280 8.80 10.12 -9.05
N LYS A 281 9.04 9.61 -10.26
CA LYS A 281 8.28 10.08 -11.40
C LYS A 281 6.79 9.80 -11.21
N LEU A 282 6.45 8.56 -10.84
CA LEU A 282 5.05 8.23 -10.58
C LEU A 282 4.49 9.04 -9.42
N LEU A 283 5.34 9.39 -8.46
CA LEU A 283 4.92 10.22 -7.34
C LEU A 283 4.39 11.57 -7.81
N GLY A 284 4.87 12.06 -8.95
CA GLY A 284 4.41 13.31 -9.51
C GLY A 284 3.26 13.19 -10.48
N ALA A 285 2.70 12.00 -10.66
CA ALA A 285 1.64 11.80 -11.65
C ALA A 285 0.41 12.62 -11.28
N THR A 286 -0.46 12.81 -12.29
CA THR A 286 -1.72 13.48 -12.03
C THR A 286 -2.76 12.52 -11.47
N GLU A 287 -2.71 11.25 -11.88
CA GLU A 287 -3.67 10.27 -11.40
C GLU A 287 -3.41 9.94 -9.94
N LEU A 288 -4.37 10.27 -9.08
CA LEU A 288 -4.35 9.80 -7.70
C LEU A 288 -4.13 8.30 -7.55
N PRO A 289 -4.72 7.41 -8.37
CA PRO A 289 -4.44 5.97 -8.21
C PRO A 289 -2.98 5.60 -8.42
N ILE A 290 -2.18 6.47 -9.03
CA ILE A 290 -0.75 6.23 -9.19
C ILE A 290 0.06 6.91 -8.10
N VAL A 291 -0.28 8.16 -7.76
CA VAL A 291 0.43 8.84 -6.68
C VAL A 291 0.33 8.05 -5.39
N THR A 292 -0.85 7.52 -5.08
CA THR A 292 -1.03 6.86 -3.78
C THR A 292 -0.07 5.69 -3.55
N PRO A 293 0.01 4.68 -4.43
CA PRO A 293 1.00 3.62 -4.19
C PRO A 293 2.44 4.09 -4.35
N ALA A 294 2.70 5.07 -5.21
CA ALA A 294 4.05 5.61 -5.33
C ALA A 294 4.47 6.26 -4.02
N LEU A 295 3.58 7.05 -3.42
CA LEU A 295 3.90 7.67 -2.14
C LEU A 295 4.03 6.62 -1.04
N ARG A 296 3.19 5.59 -1.05
CA ARG A 296 3.37 4.55 -0.04
C ARG A 296 4.72 3.86 -0.20
N ALA A 297 5.11 3.57 -1.45
CA ALA A 297 6.40 2.92 -1.68
C ALA A 297 7.54 3.80 -1.22
N ILE A 298 7.51 5.08 -1.61
CA ILE A 298 8.56 6.01 -1.20
C ILE A 298 8.59 6.13 0.31
N GLY A 299 7.41 6.26 0.93
CA GLY A 299 7.34 6.32 2.38
C GLY A 299 7.91 5.08 3.05
N ASN A 300 7.63 3.91 2.49
CA ASN A 300 8.22 2.69 3.01
C ASN A 300 9.73 2.73 2.90
N ILE A 301 10.24 3.17 1.75
CA ILE A 301 11.69 3.14 1.54
C ILE A 301 12.40 4.03 2.56
N VAL A 302 11.82 5.19 2.88
CA VAL A 302 12.50 6.09 3.83
C VAL A 302 12.32 5.66 5.27
N THR A 303 11.57 4.60 5.55
CA THR A 303 11.72 3.97 6.86
C THR A 303 12.99 3.13 6.95
N GLY A 304 13.76 3.03 5.86
CA GLY A 304 14.93 2.18 5.81
C GLY A 304 16.16 2.88 6.37
N THR A 305 17.31 2.57 5.78
CA THR A 305 18.54 3.20 6.24
C THR A 305 18.66 4.61 5.68
N ASP A 306 19.57 5.39 6.27
CA ASP A 306 19.86 6.72 5.77
C ASP A 306 20.29 6.68 4.31
N GLU A 307 21.02 5.63 3.92
CA GLU A 307 21.46 5.54 2.53
C GLU A 307 20.30 5.24 1.60
N GLN A 308 19.37 4.38 2.03
CA GLN A 308 18.16 4.15 1.24
C GLN A 308 17.33 5.42 1.12
N THR A 309 17.16 6.14 2.24
CA THR A 309 16.50 7.43 2.20
C THR A 309 17.21 8.39 1.26
N GLN A 310 18.55 8.32 1.22
CA GLN A 310 19.30 9.22 0.35
C GLN A 310 18.97 8.99 -1.11
N LYS A 311 18.69 7.73 -1.51
CA LYS A 311 18.31 7.48 -2.91
C LYS A 311 17.03 8.21 -3.25
N VAL A 312 16.07 8.20 -2.33
CA VAL A 312 14.83 8.90 -2.54
C VAL A 312 15.09 10.39 -2.78
N ILE A 313 15.92 10.98 -1.93
CA ILE A 313 16.24 12.39 -2.07
C ILE A 313 17.01 12.64 -3.36
N ASP A 314 18.00 11.79 -3.66
CA ASP A 314 18.79 11.99 -4.87
C ASP A 314 17.94 11.88 -6.12
N ALA A 315 16.89 11.05 -6.09
CA ALA A 315 16.02 10.89 -7.25
C ALA A 315 15.13 12.11 -7.46
N GLY A 316 15.13 13.06 -6.53
CA GLY A 316 14.35 14.26 -6.66
C GLY A 316 13.00 14.23 -5.95
N ALA A 317 12.79 13.33 -4.99
CA ALA A 317 11.45 13.20 -4.43
C ALA A 317 11.03 14.46 -3.68
N LEU A 318 11.98 15.15 -3.04
CA LEU A 318 11.62 16.28 -2.20
C LEU A 318 10.90 17.37 -2.98
N ALA A 319 11.19 17.50 -4.27
CA ALA A 319 10.56 18.56 -5.06
C ALA A 319 9.08 18.31 -5.29
N VAL A 320 8.60 17.08 -5.05
CA VAL A 320 7.18 16.78 -5.18
C VAL A 320 6.42 17.10 -3.90
N PHE A 321 7.12 17.31 -2.80
CA PHE A 321 6.40 17.47 -1.54
C PHE A 321 5.66 18.80 -1.34
N PRO A 322 6.02 19.89 -2.02
CA PRO A 322 5.12 21.06 -1.94
C PRO A 322 3.71 20.69 -2.34
N SER A 323 3.57 19.93 -3.43
CA SER A 323 2.24 19.51 -3.86
CA SER A 323 2.24 19.51 -3.86
C SER A 323 1.68 18.42 -2.95
N LEU A 324 2.50 17.44 -2.56
CA LEU A 324 1.99 16.34 -1.71
C LEU A 324 1.53 16.86 -0.36
N LEU A 325 2.28 17.78 0.23
CA LEU A 325 1.93 18.29 1.55
C LEU A 325 0.78 19.28 1.51
N THR A 326 0.31 19.67 0.31
CA THR A 326 -0.93 20.42 0.18
C THR A 326 -2.00 19.66 -0.59
N ASN A 327 -1.82 18.36 -0.77
CA ASN A 327 -2.72 17.60 -1.63
C ASN A 327 -4.11 17.59 -1.00
N PRO A 328 -5.16 17.87 -1.78
CA PRO A 328 -6.52 17.89 -1.19
C PRO A 328 -6.99 16.53 -0.71
N LYS A 329 -6.37 15.43 -1.13
CA LYS A 329 -6.72 14.13 -0.56
C LYS A 329 -6.01 13.96 0.77
N THR A 330 -6.81 13.80 1.83
CA THR A 330 -6.31 13.75 3.20
C THR A 330 -5.24 12.68 3.38
N ASN A 331 -5.47 11.50 2.84
CA ASN A 331 -4.52 10.41 3.03
C ASN A 331 -3.19 10.68 2.32
N ILE A 332 -3.22 11.38 1.18
CA ILE A 332 -1.96 11.76 0.54
C ILE A 332 -1.17 12.69 1.46
N GLN A 333 -1.83 13.72 1.99
CA GLN A 333 -1.17 14.66 2.88
C GLN A 333 -0.62 13.95 4.10
N LYS A 334 -1.43 13.08 4.69
CA LYS A 334 -1.00 12.34 5.87
C LYS A 334 0.24 11.51 5.57
N GLU A 335 0.22 10.75 4.47
CA GLU A 335 1.35 9.91 4.17
C GLU A 335 2.54 10.70 3.63
N ALA A 336 2.29 11.84 2.97
CA ALA A 336 3.42 12.70 2.64
C ALA A 336 4.07 13.23 3.92
N THR A 337 3.26 13.56 4.92
CA THR A 337 3.84 14.10 6.14
C THR A 337 4.53 13.00 6.94
N TRP A 338 3.93 11.81 6.97
CA TRP A 338 4.61 10.67 7.59
C TRP A 338 5.95 10.42 6.92
N THR A 339 5.98 10.44 5.60
CA THR A 339 7.23 10.32 4.85
C THR A 339 8.22 11.41 5.25
N MET A 340 7.77 12.66 5.31
CA MET A 340 8.64 13.74 5.78
C MET A 340 9.19 13.47 7.17
N SER A 341 8.36 12.92 8.06
CA SER A 341 8.81 12.66 9.43
C SER A 341 9.96 11.65 9.44
N ASN A 342 9.92 10.67 8.54
CA ASN A 342 11.03 9.72 8.48
C ASN A 342 12.22 10.28 7.72
N ILE A 343 12.03 11.34 6.95
CA ILE A 343 13.21 11.97 6.36
C ILE A 343 13.87 12.90 7.38
N THR A 344 13.08 13.65 8.15
CA THR A 344 13.66 14.53 9.15
C THR A 344 14.22 13.75 10.33
N ALA A 345 13.97 12.45 10.39
CA ALA A 345 14.67 11.60 11.33
C ALA A 345 16.02 11.17 10.80
N GLY A 346 16.40 11.62 9.59
CA GLY A 346 17.63 11.23 8.96
C GLY A 346 18.82 12.06 9.43
N ARG A 347 19.86 12.06 8.60
CA ARG A 347 21.08 12.79 8.89
C ARG A 347 20.87 14.29 8.75
N GLN A 348 21.78 15.05 9.34
CA GLN A 348 21.72 16.50 9.26
C GLN A 348 21.77 16.99 7.82
N ASP A 349 22.58 16.35 6.97
CA ASP A 349 22.58 16.74 5.57
C ASP A 349 21.26 16.42 4.88
N GLN A 350 20.50 15.45 5.40
CA GLN A 350 19.18 15.17 4.83
C GLN A 350 18.15 16.18 5.32
N ILE A 351 18.19 16.52 6.62
CA ILE A 351 17.42 17.65 7.10
C ILE A 351 17.72 18.89 6.26
N GLN A 352 18.99 19.09 5.90
CA GLN A 352 19.35 20.28 5.14
C GLN A 352 18.66 20.30 3.78
N GLN A 353 18.56 19.15 3.13
CA GLN A 353 17.87 19.12 1.84
C GLN A 353 16.38 19.37 2.00
N VAL A 354 15.79 18.93 3.11
CA VAL A 354 14.42 19.33 3.42
C VAL A 354 14.32 20.84 3.50
N VAL A 355 15.26 21.46 4.21
CA VAL A 355 15.31 22.92 4.30
C VAL A 355 15.46 23.53 2.91
N ASN A 356 16.47 23.08 2.17
CA ASN A 356 16.79 23.67 0.87
C ASN A 356 15.61 23.59 -0.10
N HIS A 357 14.84 22.50 -0.03
CA HIS A 357 13.68 22.31 -0.88
C HIS A 357 12.48 23.13 -0.43
N GLY A 358 12.64 23.97 0.58
CA GLY A 358 11.56 24.83 1.03
C GLY A 358 10.47 24.12 1.75
N LEU A 359 10.76 22.96 2.33
CA LEU A 359 9.69 22.13 2.87
C LEU A 359 9.34 22.47 4.30
N VAL A 360 10.16 23.24 5.03
CA VAL A 360 9.79 23.60 6.40
C VAL A 360 8.54 24.48 6.42
N PRO A 361 8.39 25.51 5.58
CA PRO A 361 7.09 26.21 5.54
C PRO A 361 5.92 25.29 5.31
N PHE A 362 6.10 24.23 4.50
CA PHE A 362 5.02 23.31 4.26
C PHE A 362 4.69 22.49 5.49
N LEU A 363 5.71 22.10 6.26
CA LEU A 363 5.44 21.48 7.55
C LEU A 363 4.73 22.45 8.49
N VAL A 364 5.17 23.72 8.50
CA VAL A 364 4.46 24.71 9.30
C VAL A 364 3.00 24.78 8.88
N GLY A 365 2.75 24.77 7.57
CA GLY A 365 1.37 24.82 7.09
C GLY A 365 0.55 23.63 7.52
N VAL A 366 1.10 22.42 7.37
CA VAL A 366 0.35 21.23 7.79
C VAL A 366 0.10 21.25 9.29
N LEU A 367 1.11 21.62 10.06
CA LEU A 367 0.93 21.79 11.49
C LEU A 367 -0.17 22.80 11.79
N SER A 368 -0.24 23.88 11.00
CA SER A 368 -1.22 24.93 11.24
C SER A 368 -2.63 24.48 10.90
N LYS A 369 -2.78 23.71 9.82
CA LYS A 369 -4.12 23.37 9.35
C LYS A 369 -4.01 22.11 8.51
N ALA A 370 -4.60 21.03 8.99
CA ALA A 370 -4.65 19.77 8.29
C ALA A 370 -5.60 18.88 9.06
N ASP A 371 -5.98 17.77 8.45
CA ASP A 371 -6.60 16.71 9.22
C ASP A 371 -5.74 16.42 10.45
N PHE A 372 -6.39 16.12 11.58
CA PHE A 372 -5.63 16.00 12.83
C PHE A 372 -4.59 14.89 12.76
N LYS A 373 -4.89 13.77 12.11
CA LYS A 373 -3.88 12.73 11.95
C LYS A 373 -2.71 13.20 11.12
N THR A 374 -2.95 14.10 10.17
CA THR A 374 -1.83 14.69 9.44
C THR A 374 -1.01 15.60 10.35
N GLN A 375 -1.69 16.40 11.18
CA GLN A 375 -0.98 17.26 12.12
C GLN A 375 -0.14 16.45 13.10
N LYS A 376 -0.60 15.25 13.47
CA LYS A 376 0.20 14.37 14.32
C LYS A 376 1.48 13.95 13.62
N GLU A 377 1.38 13.53 12.36
CA GLU A 377 2.58 13.23 11.58
C GLU A 377 3.49 14.45 11.50
N ALA A 378 2.89 15.65 11.37
CA ALA A 378 3.71 16.85 11.30
C ALA A 378 4.42 17.12 12.62
N ALA A 379 3.72 16.94 13.74
CA ALA A 379 4.38 17.07 15.04
C ALA A 379 5.58 16.12 15.13
N TRP A 380 5.40 14.88 14.65
CA TRP A 380 6.51 13.92 14.61
C TRP A 380 7.64 14.41 13.72
N ALA A 381 7.30 14.91 12.52
CA ALA A 381 8.33 15.41 11.63
C ALA A 381 9.14 16.52 12.29
N ILE A 382 8.46 17.38 13.07
CA ILE A 382 9.16 18.47 13.75
C ILE A 382 10.00 17.94 14.91
N THR A 383 9.46 17.02 15.70
CA THR A 383 10.25 16.46 16.80
C THR A 383 11.49 15.75 16.27
N ASN A 384 11.33 14.97 15.20
CA ASN A 384 12.48 14.34 14.57
C ASN A 384 13.46 15.37 14.06
N TYR A 385 12.96 16.40 13.37
CA TYR A 385 13.79 17.50 12.91
C TYR A 385 14.58 18.11 14.06
N THR A 386 13.90 18.46 15.15
CA THR A 386 14.58 19.13 16.25
C THR A 386 15.48 18.19 17.03
N SER A 387 15.19 16.88 17.01
CA SER A 387 16.05 15.91 17.65
C SER A 387 17.38 15.79 16.91
N GLY A 388 17.34 15.71 15.58
CA GLY A 388 18.56 15.49 14.85
C GLY A 388 19.21 16.70 14.21
N GLY A 389 18.51 17.85 14.19
CA GLY A 389 19.00 18.99 13.44
C GLY A 389 20.11 19.76 14.15
N THR A 390 20.86 20.53 13.36
CA THR A 390 21.82 21.48 13.90
C THR A 390 21.10 22.63 14.59
N VAL A 391 21.87 23.40 15.37
CA VAL A 391 21.31 24.61 15.98
C VAL A 391 20.73 25.52 14.90
N GLU A 392 21.49 25.75 13.82
CA GLU A 392 21.04 26.61 12.73
C GLU A 392 19.74 26.09 12.11
N GLN A 393 19.66 24.79 11.87
CA GLN A 393 18.45 24.21 11.30
C GLN A 393 17.27 24.40 12.24
N ILE A 394 17.49 24.25 13.54
CA ILE A 394 16.41 24.43 14.51
C ILE A 394 16.00 25.90 14.59
N VAL A 395 16.99 26.81 14.58
CA VAL A 395 16.68 28.24 14.52
C VAL A 395 15.83 28.55 13.30
N TYR A 396 16.22 28.02 12.14
CA TYR A 396 15.47 28.22 10.91
C TYR A 396 14.01 27.82 11.08
N LEU A 397 13.79 26.71 11.80
CA LEU A 397 12.44 26.22 12.05
C LEU A 397 11.60 27.23 12.81
N VAL A 398 12.19 27.87 13.83
CA VAL A 398 11.46 28.90 14.56
C VAL A 398 11.18 30.10 13.65
N HIS A 399 12.17 30.49 12.84
CA HIS A 399 11.98 31.63 11.95
C HIS A 399 10.89 31.35 10.93
N CYS A 400 10.64 30.08 10.59
CA CYS A 400 9.56 29.75 9.65
C CYS A 400 8.19 29.84 10.28
N GLY A 401 8.11 30.00 11.59
CA GLY A 401 6.84 30.10 12.25
C GLY A 401 6.35 28.85 12.94
N ILE A 402 7.24 27.95 13.36
CA ILE A 402 6.78 26.68 13.89
C ILE A 402 6.10 26.83 15.25
N ILE A 403 6.47 27.85 16.04
CA ILE A 403 6.13 27.83 17.46
C ILE A 403 4.63 27.91 17.67
N GLU A 404 3.98 28.89 17.02
CA GLU A 404 2.57 29.10 17.30
C GLU A 404 1.69 27.91 16.91
N PRO A 405 1.79 27.31 15.72
CA PRO A 405 0.97 26.12 15.46
C PRO A 405 1.36 24.94 16.34
N LEU A 406 2.63 24.82 16.71
CA LEU A 406 3.03 23.82 17.68
C LEU A 406 2.33 24.03 19.01
N MET A 407 2.35 25.28 19.52
CA MET A 407 1.61 25.63 20.73
C MET A 407 0.12 25.32 20.59
N ASN A 408 -0.49 25.73 19.49
CA ASN A 408 -1.93 25.54 19.34
C ASN A 408 -2.32 24.07 19.42
N LEU A 409 -1.40 23.17 19.07
CA LEU A 409 -1.73 21.75 19.13
C LEU A 409 -1.58 21.15 20.52
N LEU A 410 -1.05 21.91 21.48
CA LEU A 410 -1.04 21.45 22.87
C LEU A 410 -2.43 21.43 23.48
N SER A 411 -3.43 21.99 22.81
CA SER A 411 -4.81 21.88 23.25
C SER A 411 -5.47 20.58 22.83
N ALA A 412 -4.75 19.72 22.10
CA ALA A 412 -5.32 18.47 21.64
C ALA A 412 -5.45 17.49 22.81
N LYS A 413 -6.52 16.70 22.78
CA LYS A 413 -6.72 15.69 23.81
C LYS A 413 -5.85 14.46 23.61
N ASP A 414 -5.28 14.28 22.43
CA ASP A 414 -4.36 13.17 22.19
C ASP A 414 -3.14 13.31 23.08
N THR A 415 -2.93 12.32 23.95
CA THR A 415 -1.81 12.36 24.88
C THR A 415 -0.48 12.23 24.16
N LYS A 416 -0.42 11.38 23.13
CA LYS A 416 0.85 11.10 22.46
C LYS A 416 1.37 12.33 21.72
N ILE A 417 0.48 13.06 21.03
CA ILE A 417 0.94 14.24 20.32
C ILE A 417 1.49 15.28 21.29
N ILE A 418 0.94 15.33 22.50
CA ILE A 418 1.42 16.30 23.48
C ILE A 418 2.86 16.00 23.87
N GLN A 419 3.18 14.72 24.12
CA GLN A 419 4.55 14.37 24.42
C GLN A 419 5.47 14.71 23.26
N VAL A 420 5.00 14.50 22.04
CA VAL A 420 5.79 14.80 20.85
C VAL A 420 6.09 16.30 20.79
N ILE A 421 5.06 17.12 21.00
CA ILE A 421 5.25 18.56 20.93
C ILE A 421 6.14 19.04 22.06
N LEU A 422 5.85 18.60 23.30
CA LEU A 422 6.69 18.96 24.44
C LEU A 422 8.15 18.61 24.20
N ASP A 423 8.40 17.43 23.61
CA ASP A 423 9.77 17.03 23.33
C ASP A 423 10.40 17.92 22.26
N ALA A 424 9.62 18.34 21.25
CA ALA A 424 10.14 19.26 20.25
C ALA A 424 10.49 20.60 20.88
N ILE A 425 9.62 21.11 21.75
CA ILE A 425 9.89 22.38 22.42
C ILE A 425 11.15 22.27 23.27
N SER A 426 11.27 21.16 24.01
CA SER A 426 12.51 20.89 24.74
C SER A 426 13.70 20.97 23.81
N ASN A 427 13.63 20.28 22.66
CA ASN A 427 14.75 20.31 21.73
C ASN A 427 15.01 21.71 21.20
N ILE A 428 13.96 22.51 21.04
CA ILE A 428 14.15 23.87 20.53
C ILE A 428 14.77 24.75 21.61
N PHE A 429 14.35 24.57 22.87
CA PHE A 429 15.00 25.32 23.95
C PHE A 429 16.48 24.96 24.05
N GLN A 430 16.81 23.67 23.95
CA GLN A 430 18.22 23.27 23.99
C GLN A 430 19.03 23.96 22.91
N ALA A 431 18.43 24.17 21.73
CA ALA A 431 19.11 24.95 20.70
C ALA A 431 19.21 26.40 21.11
N ALA A 432 18.15 26.94 21.72
CA ALA A 432 18.17 28.33 22.17
C ALA A 432 19.23 28.53 23.25
N GLU A 433 19.33 27.60 24.19
CA GLU A 433 20.40 27.62 25.20
C GLU A 433 21.77 27.83 24.55
N LYS A 434 22.07 27.03 23.52
CA LYS A 434 23.39 27.09 22.89
C LYS A 434 23.65 28.44 22.22
N LEU A 435 22.63 29.28 22.06
CA LEU A 435 22.83 30.65 21.60
C LEU A 435 22.61 31.67 22.70
N GLY A 436 22.32 31.23 23.92
CA GLY A 436 22.00 32.16 25.00
C GLY A 436 20.76 32.97 24.71
N GLU A 437 19.73 32.34 24.12
CA GLU A 437 18.56 33.05 23.67
C GLU A 437 17.29 32.36 24.16
N THR A 438 17.41 31.60 25.25
CA THR A 438 16.29 30.86 25.85
C THR A 438 15.06 31.71 26.08
N GLU A 439 15.27 32.92 26.57
CA GLU A 439 14.19 33.69 27.12
C GLU A 439 13.30 34.26 26.00
N LYS A 440 13.95 34.63 24.89
CA LYS A 440 13.24 35.09 23.69
C LYS A 440 12.25 34.05 23.21
N LEU A 441 12.65 32.79 23.27
CA LEU A 441 11.73 31.71 22.93
C LEU A 441 10.64 31.61 23.97
N SER A 442 10.99 31.77 25.24
CA SER A 442 9.99 31.85 26.30
C SER A 442 8.96 32.93 26.02
N ILE A 443 9.39 34.12 25.58
CA ILE A 443 8.41 35.18 25.26
C ILE A 443 7.56 34.73 24.08
N MET A 444 8.22 34.26 23.03
CA MET A 444 7.50 33.74 21.87
C MET A 444 6.41 32.78 22.33
N ILE A 445 6.79 31.78 23.13
CA ILE A 445 5.81 30.82 23.62
C ILE A 445 4.79 31.50 24.55
N GLU A 446 5.24 32.50 25.30
CA GLU A 446 4.31 33.29 26.11
C GLU A 446 3.28 34.01 25.23
N GLU A 447 3.76 34.74 24.22
CA GLU A 447 2.93 35.67 23.47
C GLU A 447 1.82 35.00 22.67
N CYS A 448 1.98 33.72 22.32
CA CYS A 448 0.94 33.02 21.57
C CYS A 448 0.10 32.13 22.46
N GLY A 449 0.21 32.27 23.78
CA GLY A 449 -0.54 31.45 24.71
C GLY A 449 0.03 30.07 24.94
N GLY A 450 1.27 29.82 24.55
CA GLY A 450 1.83 28.49 24.73
C GLY A 450 2.13 28.16 26.17
N LEU A 451 2.62 29.16 26.91
CA LEU A 451 2.93 28.93 28.33
C LEU A 451 1.68 28.58 29.13
N ASP A 452 0.56 29.24 28.84
CA ASP A 452 -0.70 28.86 29.45
C ASP A 452 -0.96 27.37 29.26
N LYS A 453 -0.76 26.88 28.03
CA LYS A 453 -1.01 25.48 27.75
C LYS A 453 0.02 24.58 28.43
N ILE A 454 1.29 25.01 28.51
CA ILE A 454 2.28 24.21 29.21
C ILE A 454 1.97 24.16 30.71
N GLU A 455 1.62 25.31 31.29
CA GLU A 455 1.17 25.34 32.69
C GLU A 455 0.04 24.36 32.92
N ALA A 456 -1.01 24.45 32.12
CA ALA A 456 -2.17 23.58 32.27
C ALA A 456 -1.82 22.10 32.09
N LEU A 457 -0.71 21.79 31.39
CA LEU A 457 -0.33 20.40 31.19
C LEU A 457 0.31 19.78 32.43
N GLN A 458 0.74 20.59 33.40
CA GLN A 458 1.09 20.02 34.70
C GLN A 458 -0.09 19.28 35.29
N ARG A 459 -1.29 19.80 35.06
CA ARG A 459 -2.55 19.18 35.48
C ARG A 459 -3.00 18.05 34.55
N HIS A 460 -2.15 17.56 33.67
CA HIS A 460 -2.53 16.47 32.79
C HIS A 460 -2.41 15.13 33.52
N GLU A 461 -3.26 14.18 33.14
CA GLU A 461 -3.31 12.89 33.81
C GLU A 461 -2.03 12.09 33.57
N ASN A 462 -1.46 12.18 32.38
CA ASN A 462 -0.31 11.36 32.04
C ASN A 462 0.93 11.80 32.83
N GLU A 463 1.69 10.82 33.32
CA GLU A 463 2.86 11.12 34.13
C GLU A 463 3.93 11.83 33.32
N SER A 464 4.33 11.26 32.18
CA SER A 464 5.41 11.83 31.39
C SER A 464 5.06 13.22 30.87
N VAL A 465 3.78 13.48 30.60
CA VAL A 465 3.37 14.80 30.14
C VAL A 465 3.48 15.81 31.27
N TYR A 466 2.84 15.51 32.41
CA TYR A 466 2.92 16.41 33.57
C TYR A 466 4.37 16.66 33.96
N LYS A 467 5.19 15.62 33.91
CA LYS A 467 6.61 15.79 34.21
C LYS A 467 7.27 16.71 33.20
N ALA A 468 7.25 16.31 31.92
CA ALA A 468 7.90 17.11 30.87
C ALA A 468 7.38 18.55 30.85
N SER A 469 6.09 18.72 31.13
CA SER A 469 5.52 20.08 31.22
C SER A 469 6.13 20.86 32.37
N LEU A 470 6.10 20.27 33.59
CA LEU A 470 6.59 20.97 34.78
C LEU A 470 8.07 21.31 34.63
N ASN A 471 8.85 20.38 34.06
CA ASN A 471 10.24 20.70 33.75
C ASN A 471 10.33 21.98 32.93
N LEU A 472 9.70 22.00 31.74
CA LEU A 472 9.75 23.17 30.87
C LEU A 472 9.46 24.46 31.65
N ILE A 473 8.48 24.42 32.54
CA ILE A 473 8.22 25.54 33.44
C ILE A 473 9.45 25.84 34.29
N GLU A 474 10.03 24.79 34.90
CA GLU A 474 11.09 24.96 35.88
C GLU A 474 12.38 25.50 35.28
N LYS A 475 12.60 25.37 33.97
CA LYS A 475 13.87 25.83 33.39
C LYS A 475 13.80 27.11 32.57
N TYR A 476 12.63 27.50 32.06
CA TYR A 476 12.56 28.63 31.16
C TYR A 476 11.51 29.66 31.52
N PHE A 477 10.64 29.39 32.47
CA PHE A 477 9.62 30.33 32.90
C PHE A 477 9.72 30.52 34.42
N SER A 478 10.88 31.00 34.85
CA SER A 478 11.17 31.21 36.27
C SER A 478 12.06 32.45 36.46
N THR B 1 -7.25 -0.77 -0.08
CA THR B 1 -6.68 -0.39 -1.36
C THR B 1 -5.42 -1.18 -1.64
N PRO B 2 -5.31 -1.78 -2.82
CA PRO B 2 -6.42 -2.12 -3.72
C PRO B 2 -7.15 -3.38 -3.28
N ASN B 3 -7.94 -3.93 -4.20
CA ASN B 3 -8.76 -5.09 -3.88
C ASN B 3 -7.90 -6.32 -3.67
N THR B 4 -8.07 -6.98 -2.53
CA THR B 4 -7.44 -8.27 -2.36
C THR B 4 -8.03 -9.30 -3.33
N LYS B 5 -9.33 -9.20 -3.62
CA LYS B 5 -10.01 -10.15 -4.48
C LYS B 5 -10.92 -9.39 -5.43
N ARG B 6 -11.13 -9.96 -6.62
CA ARG B 6 -11.90 -9.32 -7.68
C ARG B 6 -12.95 -10.27 -8.20
N PHE B 7 -14.18 -9.79 -8.23
CA PHE B 7 -15.35 -10.50 -8.69
C PHE B 7 -15.54 -10.18 -10.18
N LYS B 8 -15.72 -11.20 -11.00
CA LYS B 8 -15.88 -10.98 -12.43
C LYS B 8 -17.38 -10.87 -12.74
N LYS B 9 -17.83 -9.67 -13.12
CA LYS B 9 -19.23 -9.39 -13.38
C LYS B 9 -19.69 -9.79 -14.78
N GLU B 10 -18.82 -9.65 -15.78
CA GLU B 10 -19.24 -9.84 -17.17
C GLU B 10 -17.99 -10.11 -18.01
N GLU B 11 -18.18 -10.19 -19.33
CA GLU B 11 -17.12 -10.39 -20.32
C GLU B 11 -16.17 -11.50 -19.95
S1 DTT C . -16.92 -26.81 -23.52
C1 DTT C . -17.93 -27.61 -24.78
C2 DTT C . -17.21 -28.42 -25.84
O2 DTT C . -16.41 -27.54 -26.56
C3 DTT C . -18.33 -29.02 -26.69
O3 DTT C . -17.88 -30.09 -27.49
C4 DTT C . -19.34 -29.56 -25.71
S4 DTT C . -19.38 -31.35 -25.86
#